data_6LF5
#
_entry.id   6LF5
#
_entity_poly.entity_id   1
_entity_poly.type   'polypeptide(L)'
_entity_poly.pdbx_seq_one_letter_code
;CPQVCPAIYQPVFDEFGRMYSNSCEMQRARCLRG
;
_entity_poly.pdbx_strand_id   A
#
# COMPACT_ATOMS: atom_id res chain seq x y z
N CYS A 1 -0.26 10.37 2.13
CA CYS A 1 0.46 9.07 2.24
C CYS A 1 1.24 9.03 3.56
N PRO A 2 0.68 8.48 4.60
CA PRO A 2 1.37 8.39 5.94
C PRO A 2 2.71 7.67 5.84
N GLN A 3 3.68 8.11 6.63
CA GLN A 3 5.00 7.50 6.63
C GLN A 3 4.97 6.16 7.37
N VAL A 4 3.84 5.89 8.03
CA VAL A 4 3.68 4.64 8.78
C VAL A 4 2.36 3.97 8.40
N CYS A 5 2.26 2.67 8.66
CA CYS A 5 1.06 1.90 8.33
C CYS A 5 0.68 0.99 9.50
N PRO A 6 -0.59 0.66 9.66
CA PRO A 6 -1.05 -0.20 10.78
C PRO A 6 -0.59 -1.65 10.65
N ALA A 7 -0.37 -2.29 11.78
CA ALA A 7 0.07 -3.68 11.81
C ALA A 7 -0.97 -4.57 11.16
N ILE A 8 -2.24 -4.24 11.34
CA ILE A 8 -3.32 -5.04 10.76
C ILE A 8 -3.02 -5.34 9.31
N TYR A 9 -3.02 -6.62 8.97
CA TYR A 9 -2.72 -7.08 7.62
C TYR A 9 -4.01 -7.10 6.77
N GLN A 10 -4.07 -6.25 5.74
CA GLN A 10 -5.25 -6.20 4.86
C GLN A 10 -4.84 -6.30 3.40
N PRO A 11 -4.24 -7.40 3.00
CA PRO A 11 -3.78 -7.63 1.61
C PRO A 11 -4.73 -7.06 0.56
N VAL A 12 -4.13 -6.32 -0.37
CA VAL A 12 -4.88 -5.70 -1.46
C VAL A 12 -4.22 -5.97 -2.80
N PHE A 13 -5.03 -5.99 -3.87
CA PHE A 13 -4.54 -6.23 -5.22
C PHE A 13 -4.76 -5.01 -6.10
N ASP A 14 -3.76 -4.65 -6.90
CA ASP A 14 -3.87 -3.49 -7.79
C ASP A 14 -4.16 -3.95 -9.22
N GLU A 15 -4.80 -3.07 -9.99
CA GLU A 15 -5.16 -3.37 -11.38
C GLU A 15 -3.93 -3.73 -12.21
N PHE A 16 -2.76 -3.68 -11.60
CA PHE A 16 -1.52 -4.02 -12.29
C PHE A 16 -1.13 -5.44 -11.91
N GLY A 17 -1.96 -6.06 -11.09
CA GLY A 17 -1.71 -7.42 -10.64
C GLY A 17 -0.69 -7.44 -9.52
N ARG A 18 -0.32 -6.24 -9.05
CA ARG A 18 0.65 -6.13 -7.97
C ARG A 18 -0.01 -6.41 -6.62
N MET A 19 0.76 -7.00 -5.71
CA MET A 19 0.25 -7.36 -4.38
C MET A 19 0.71 -6.35 -3.33
N TYR A 20 -0.22 -5.94 -2.48
CA TYR A 20 0.06 -4.99 -1.40
C TYR A 20 -0.46 -5.54 -0.08
N SER A 21 0.30 -5.35 1.00
CA SER A 21 -0.12 -5.83 2.31
C SER A 21 -1.39 -5.13 2.77
N ASN A 22 -1.45 -3.80 2.61
CA ASN A 22 -2.63 -3.05 3.03
C ASN A 22 -2.75 -1.75 2.24
N SER A 23 -3.91 -1.10 2.35
CA SER A 23 -4.16 0.15 1.63
C SER A 23 -3.18 1.24 2.05
N CYS A 24 -2.77 1.26 3.31
CA CYS A 24 -1.82 2.27 3.74
C CYS A 24 -0.55 2.12 2.92
N GLU A 25 -0.11 0.88 2.81
CA GLU A 25 1.08 0.56 2.04
C GLU A 25 0.91 0.98 0.59
N MET A 26 -0.31 0.79 0.07
CA MET A 26 -0.60 1.15 -1.32
C MET A 26 -0.36 2.64 -1.55
N GLN A 27 -0.86 3.47 -0.63
CA GLN A 27 -0.67 4.91 -0.76
C GLN A 27 0.79 5.28 -0.58
N ARG A 28 1.44 4.62 0.37
CA ARG A 28 2.85 4.88 0.66
C ARG A 28 3.72 4.64 -0.57
N ALA A 29 3.54 3.49 -1.21
CA ALA A 29 4.32 3.14 -2.39
C ALA A 29 4.08 4.13 -3.53
N ARG A 30 2.82 4.50 -3.73
CA ARG A 30 2.47 5.44 -4.80
C ARG A 30 3.11 6.80 -4.52
N CYS A 31 3.13 7.17 -3.24
CA CYS A 31 3.69 8.45 -2.83
C CYS A 31 5.17 8.56 -3.23
N LEU A 32 5.92 7.48 -3.02
CA LEU A 32 7.33 7.47 -3.35
C LEU A 32 7.53 7.66 -4.86
N ARG A 33 6.71 6.99 -5.65
CA ARG A 33 6.80 7.10 -7.10
C ARG A 33 6.42 8.50 -7.55
N GLY A 34 5.42 9.09 -6.91
CA GLY A 34 4.97 10.43 -7.26
C GLY A 34 5.97 11.48 -6.78
N CYS A 1 -0.74 9.88 1.74
CA CYS A 1 0.36 8.90 1.92
C CYS A 1 0.85 8.94 3.37
N PRO A 2 0.17 8.27 4.26
CA PRO A 2 0.54 8.24 5.70
C PRO A 2 1.99 7.80 5.93
N GLN A 3 2.66 8.44 6.89
CA GLN A 3 4.04 8.12 7.20
C GLN A 3 4.12 6.80 7.96
N VAL A 4 2.96 6.30 8.39
CA VAL A 4 2.88 5.03 9.12
C VAL A 4 1.78 4.16 8.56
N CYS A 5 1.86 2.85 8.82
CA CYS A 5 0.84 1.91 8.34
C CYS A 5 0.43 0.95 9.46
N PRO A 6 -0.80 0.48 9.45
CA PRO A 6 -1.29 -0.46 10.51
C PRO A 6 -0.63 -1.83 10.43
N ALA A 7 -0.48 -2.48 11.59
CA ALA A 7 0.13 -3.80 11.66
C ALA A 7 -0.93 -4.88 11.49
N ILE A 8 -2.15 -4.45 11.20
CA ILE A 8 -3.26 -5.38 11.02
C ILE A 8 -2.97 -6.33 9.85
N TYR A 9 -2.45 -5.77 8.77
CA TYR A 9 -2.12 -6.57 7.59
C TYR A 9 -3.39 -6.91 6.81
N GLN A 10 -3.68 -6.11 5.77
CA GLN A 10 -4.87 -6.32 4.95
C GLN A 10 -4.49 -6.35 3.47
N PRO A 11 -3.90 -7.44 3.02
CA PRO A 11 -3.45 -7.60 1.61
C PRO A 11 -4.46 -7.12 0.59
N VAL A 12 -3.95 -6.33 -0.35
CA VAL A 12 -4.76 -5.76 -1.42
C VAL A 12 -4.11 -5.99 -2.78
N PHE A 13 -4.93 -6.01 -3.82
CA PHE A 13 -4.46 -6.22 -5.19
C PHE A 13 -4.75 -4.98 -6.03
N ASP A 14 -3.74 -4.51 -6.76
CA ASP A 14 -3.90 -3.34 -7.62
C ASP A 14 -4.46 -3.72 -8.97
N GLU A 15 -4.98 -2.73 -9.70
CA GLU A 15 -5.55 -2.96 -11.02
C GLU A 15 -4.54 -3.64 -11.94
N PHE A 16 -3.26 -3.47 -11.64
CA PHE A 16 -2.20 -4.07 -12.44
C PHE A 16 -1.92 -5.47 -11.91
N GLY A 17 -2.66 -5.82 -10.86
CA GLY A 17 -2.51 -7.13 -10.24
C GLY A 17 -1.31 -7.17 -9.31
N ARG A 18 -0.84 -6.00 -8.89
CA ARG A 18 0.31 -5.93 -8.00
C ARG A 18 -0.13 -6.30 -6.58
N MET A 19 0.76 -6.96 -5.85
CA MET A 19 0.46 -7.40 -4.48
C MET A 19 0.92 -6.36 -3.46
N TYR A 20 -0.01 -5.92 -2.61
CA TYR A 20 0.29 -4.96 -1.55
C TYR A 20 -0.22 -5.50 -0.21
N SER A 21 0.54 -5.27 0.85
CA SER A 21 0.15 -5.74 2.17
C SER A 21 -1.10 -5.03 2.66
N ASN A 22 -1.19 -3.71 2.46
CA ASN A 22 -2.36 -2.95 2.90
C ASN A 22 -2.49 -1.63 2.13
N SER A 23 -3.62 -0.95 2.35
CA SER A 23 -3.90 0.32 1.67
C SER A 23 -2.83 1.36 1.98
N CYS A 24 -2.43 1.44 3.23
CA CYS A 24 -1.41 2.41 3.61
C CYS A 24 -0.18 2.19 2.74
N GLU A 25 0.19 0.93 2.60
CA GLU A 25 1.33 0.56 1.79
C GLU A 25 1.08 0.93 0.33
N MET A 26 -0.16 0.75 -0.13
CA MET A 26 -0.51 1.08 -1.51
C MET A 26 -0.27 2.57 -1.79
N GLN A 27 -0.72 3.42 -0.86
CA GLN A 27 -0.55 4.85 -1.04
C GLN A 27 0.92 5.24 -0.93
N ARG A 28 1.62 4.63 0.04
CA ARG A 28 3.03 4.93 0.23
C ARG A 28 3.86 4.55 -0.98
N ALA A 29 3.62 3.34 -1.49
CA ALA A 29 4.37 2.86 -2.64
C ALA A 29 4.24 3.79 -3.84
N ARG A 30 3.02 4.16 -4.17
CA ARG A 30 2.81 5.07 -5.30
C ARG A 30 3.35 6.45 -4.96
N CYS A 31 3.13 6.86 -3.73
CA CYS A 31 3.59 8.17 -3.24
C CYS A 31 5.11 8.22 -3.17
N LEU A 32 5.73 7.12 -2.75
CA LEU A 32 7.18 7.06 -2.63
C LEU A 32 7.83 7.21 -4.00
N ARG A 33 7.20 6.63 -5.02
CA ARG A 33 7.73 6.69 -6.38
C ARG A 33 7.82 8.14 -6.83
N GLY A 34 6.78 8.92 -6.56
CA GLY A 34 6.75 10.32 -6.95
C GLY A 34 5.39 10.94 -6.68
N CYS A 1 -0.45 10.25 1.52
CA CYS A 1 0.23 8.95 1.79
C CYS A 1 0.79 8.95 3.22
N PRO A 2 0.10 8.33 4.17
CA PRO A 2 0.56 8.28 5.59
C PRO A 2 2.00 7.78 5.72
N GLN A 3 2.74 8.37 6.65
CA GLN A 3 4.13 7.98 6.87
C GLN A 3 4.18 6.67 7.66
N VAL A 4 3.03 6.26 8.18
CA VAL A 4 2.93 5.01 8.96
C VAL A 4 1.82 4.14 8.41
N CYS A 5 1.88 2.84 8.69
CA CYS A 5 0.86 1.89 8.22
C CYS A 5 0.48 0.93 9.34
N PRO A 6 -0.74 0.44 9.36
CA PRO A 6 -1.20 -0.51 10.43
C PRO A 6 -0.54 -1.88 10.31
N ALA A 7 -0.36 -2.54 11.44
CA ALA A 7 0.25 -3.87 11.47
C ALA A 7 -0.83 -4.94 11.34
N ILE A 8 -2.06 -4.51 11.10
CA ILE A 8 -3.18 -5.43 10.96
C ILE A 8 -2.93 -6.39 9.81
N TYR A 9 -2.44 -5.86 8.69
CA TYR A 9 -2.15 -6.67 7.50
C TYR A 9 -3.45 -6.95 6.73
N GLN A 10 -3.69 -6.14 5.68
CA GLN A 10 -4.90 -6.30 4.86
C GLN A 10 -4.52 -6.40 3.38
N PRO A 11 -3.92 -7.49 2.99
CA PRO A 11 -3.49 -7.70 1.58
C PRO A 11 -4.47 -7.19 0.55
N VAL A 12 -3.93 -6.42 -0.39
CA VAL A 12 -4.73 -5.82 -1.46
C VAL A 12 -4.11 -6.09 -2.84
N PHE A 13 -4.96 -6.11 -3.85
CA PHE A 13 -4.54 -6.34 -5.23
C PHE A 13 -4.81 -5.11 -6.09
N ASP A 14 -3.80 -4.64 -6.81
CA ASP A 14 -3.98 -3.46 -7.67
C ASP A 14 -4.51 -3.87 -9.03
N GLU A 15 -5.02 -2.88 -9.76
CA GLU A 15 -5.57 -3.11 -11.08
C GLU A 15 -4.54 -3.72 -12.04
N PHE A 16 -3.28 -3.75 -11.61
CA PHE A 16 -2.20 -4.31 -12.41
C PHE A 16 -1.89 -5.70 -11.91
N GLY A 17 -2.64 -6.12 -10.89
CA GLY A 17 -2.45 -7.44 -10.30
C GLY A 17 -1.28 -7.43 -9.33
N ARG A 18 -0.87 -6.24 -8.91
CA ARG A 18 0.23 -6.11 -7.97
C ARG A 18 -0.22 -6.48 -6.56
N MET A 19 0.65 -7.13 -5.81
CA MET A 19 0.33 -7.55 -4.45
C MET A 19 0.86 -6.56 -3.41
N TYR A 20 -0.07 -6.04 -2.60
CA TYR A 20 0.28 -5.09 -1.53
C TYR A 20 -0.23 -5.62 -0.20
N SER A 21 0.56 -5.43 0.85
CA SER A 21 0.16 -5.89 2.18
C SER A 21 -1.11 -5.18 2.67
N ASN A 22 -1.17 -3.87 2.47
CA ASN A 22 -2.35 -3.10 2.90
C ASN A 22 -2.48 -1.82 2.07
N SER A 23 -3.63 -1.15 2.19
CA SER A 23 -3.88 0.08 1.44
C SER A 23 -2.89 1.17 1.82
N CYS A 24 -2.47 1.23 3.07
CA CYS A 24 -1.51 2.24 3.47
C CYS A 24 -0.25 2.06 2.64
N GLU A 25 0.17 0.81 2.53
CA GLU A 25 1.34 0.47 1.76
C GLU A 25 1.14 0.83 0.29
N MET A 26 -0.09 0.65 -0.20
CA MET A 26 -0.40 0.97 -1.59
C MET A 26 -0.15 2.45 -1.87
N GLN A 27 -0.63 3.31 -0.96
CA GLN A 27 -0.45 4.74 -1.12
C GLN A 27 1.01 5.12 -0.89
N ARG A 28 1.63 4.49 0.09
CA ARG A 28 3.03 4.76 0.43
C ARG A 28 3.94 4.50 -0.75
N ALA A 29 3.76 3.35 -1.38
CA ALA A 29 4.60 2.98 -2.52
C ALA A 29 4.48 4.00 -3.64
N ARG A 30 3.26 4.42 -3.93
CA ARG A 30 3.04 5.42 -4.99
C ARG A 30 3.68 6.74 -4.59
N CYS A 31 3.58 7.07 -3.30
CA CYS A 31 4.14 8.31 -2.79
C CYS A 31 5.65 8.33 -2.98
N LEU A 32 6.29 7.20 -2.69
CA LEU A 32 7.73 7.08 -2.83
C LEU A 32 8.12 7.20 -4.30
N ARG A 33 7.28 6.67 -5.18
CA ARG A 33 7.54 6.71 -6.61
C ARG A 33 7.69 8.16 -7.08
N GLY A 34 6.80 9.02 -6.60
CA GLY A 34 6.84 10.43 -6.99
C GLY A 34 6.03 11.28 -6.01
N CYS A 1 0.06 11.02 1.26
CA CYS A 1 -0.01 9.64 1.82
C CYS A 1 0.31 9.69 3.32
N PRO A 2 -0.18 8.76 4.10
CA PRO A 2 0.08 8.71 5.56
C PRO A 2 1.54 8.33 5.87
N GLN A 3 2.03 8.79 7.01
CA GLN A 3 3.41 8.51 7.41
C GLN A 3 3.50 7.20 8.20
N VAL A 4 2.34 6.62 8.51
CA VAL A 4 2.30 5.36 9.27
C VAL A 4 1.33 4.37 8.62
N CYS A 5 1.51 3.08 8.93
CA CYS A 5 0.65 2.03 8.38
C CYS A 5 0.30 1.02 9.47
N PRO A 6 -0.86 0.40 9.40
CA PRO A 6 -1.29 -0.61 10.42
C PRO A 6 -0.49 -1.91 10.32
N ALA A 7 -0.26 -2.54 11.46
CA ALA A 7 0.48 -3.80 11.50
C ALA A 7 -0.47 -4.98 11.39
N ILE A 8 -1.75 -4.67 11.20
CA ILE A 8 -2.78 -5.71 11.09
C ILE A 8 -2.50 -6.60 9.89
N TYR A 9 -2.10 -5.99 8.78
CA TYR A 9 -1.81 -6.73 7.55
C TYR A 9 -3.11 -7.01 6.80
N GLN A 10 -3.39 -6.19 5.78
CA GLN A 10 -4.62 -6.35 4.99
C GLN A 10 -4.30 -6.41 3.49
N PRO A 11 -3.69 -7.47 3.04
CA PRO A 11 -3.31 -7.65 1.62
C PRO A 11 -4.35 -7.13 0.64
N VAL A 12 -3.89 -6.30 -0.29
CA VAL A 12 -4.76 -5.69 -1.29
C VAL A 12 -4.22 -5.96 -2.70
N PHE A 13 -5.14 -6.00 -3.67
CA PHE A 13 -4.79 -6.25 -5.07
C PHE A 13 -5.09 -5.03 -5.93
N ASP A 14 -4.18 -4.69 -6.84
CA ASP A 14 -4.38 -3.55 -7.74
C ASP A 14 -4.79 -4.03 -9.13
N GLU A 15 -5.49 -3.17 -9.86
CA GLU A 15 -5.96 -3.49 -11.20
C GLU A 15 -4.80 -3.84 -12.13
N PHE A 16 -3.58 -3.71 -11.63
CA PHE A 16 -2.39 -4.03 -12.41
C PHE A 16 -1.88 -5.40 -12.01
N GLY A 17 -2.60 -6.03 -11.08
CA GLY A 17 -2.23 -7.34 -10.60
C GLY A 17 -1.09 -7.24 -9.60
N ARG A 18 -0.81 -6.02 -9.16
CA ARG A 18 0.26 -5.80 -8.19
C ARG A 18 -0.27 -6.00 -6.78
N MET A 19 0.41 -6.85 -6.01
CA MET A 19 -0.01 -7.14 -4.64
C MET A 19 0.60 -6.18 -3.64
N TYR A 20 -0.22 -5.77 -2.67
CA TYR A 20 0.19 -4.85 -1.61
C TYR A 20 -0.21 -5.43 -0.27
N SER A 21 0.63 -5.24 0.75
CA SER A 21 0.32 -5.77 2.08
C SER A 21 -0.93 -5.11 2.65
N ASN A 22 -1.05 -3.79 2.49
CA ASN A 22 -2.22 -3.07 3.00
C ASN A 22 -2.47 -1.78 2.20
N SER A 23 -3.63 -1.18 2.41
CA SER A 23 -3.99 0.05 1.71
C SER A 23 -3.00 1.18 2.03
N CYS A 24 -2.50 1.23 3.26
CA CYS A 24 -1.55 2.27 3.62
C CYS A 24 -0.32 2.18 2.74
N GLU A 25 0.15 0.96 2.55
CA GLU A 25 1.32 0.70 1.72
C GLU A 25 1.06 1.19 0.30
N MET A 26 -0.17 0.99 -0.17
CA MET A 26 -0.56 1.41 -1.51
C MET A 26 -0.32 2.92 -1.68
N GLN A 27 -0.82 3.70 -0.73
CA GLN A 27 -0.67 5.15 -0.79
C GLN A 27 0.82 5.54 -0.70
N ARG A 28 1.54 4.85 0.17
CA ARG A 28 2.97 5.10 0.36
C ARG A 28 3.76 4.65 -0.86
N ALA A 29 3.34 3.54 -1.45
CA ALA A 29 4.04 2.99 -2.61
C ALA A 29 4.13 4.02 -3.73
N ARG A 30 3.03 4.69 -4.03
CA ARG A 30 3.04 5.70 -5.08
C ARG A 30 3.95 6.85 -4.68
N CYS A 31 3.89 7.20 -3.39
CA CYS A 31 4.71 8.27 -2.85
C CYS A 31 6.20 7.96 -2.96
N LEU A 32 6.56 6.72 -2.65
CA LEU A 32 7.97 6.32 -2.72
C LEU A 32 8.47 6.39 -4.16
N ARG A 33 7.66 5.90 -5.09
CA ARG A 33 8.04 5.93 -6.50
C ARG A 33 8.11 7.36 -7.02
N GLY A 34 7.21 8.21 -6.57
CA GLY A 34 7.19 9.60 -6.99
C GLY A 34 8.43 10.33 -6.51
N CYS A 1 -0.62 9.82 1.78
CA CYS A 1 0.44 8.81 1.98
C CYS A 1 0.86 8.81 3.46
N PRO A 2 0.11 8.14 4.30
CA PRO A 2 0.40 8.08 5.77
C PRO A 2 1.84 7.65 6.05
N GLN A 3 2.47 8.32 7.02
CA GLN A 3 3.84 8.01 7.39
C GLN A 3 3.94 6.58 7.93
N VAL A 4 2.91 6.18 8.67
CA VAL A 4 2.88 4.84 9.27
C VAL A 4 1.73 4.02 8.67
N CYS A 5 1.81 2.70 8.82
CA CYS A 5 0.79 1.79 8.29
C CYS A 5 0.30 0.85 9.40
N PRO A 6 -0.93 0.41 9.35
CA PRO A 6 -1.50 -0.50 10.39
C PRO A 6 -0.84 -1.88 10.39
N ALA A 7 -0.75 -2.47 11.58
CA ALA A 7 -0.15 -3.79 11.74
C ALA A 7 -1.20 -4.88 11.52
N ILE A 8 -2.41 -4.44 11.17
CA ILE A 8 -3.51 -5.38 10.94
C ILE A 8 -3.16 -6.32 9.80
N TYR A 9 -2.53 -5.78 8.76
CA TYR A 9 -2.13 -6.58 7.60
C TYR A 9 -3.35 -6.99 6.79
N GLN A 10 -3.67 -6.20 5.77
CA GLN A 10 -4.82 -6.48 4.90
C GLN A 10 -4.38 -6.48 3.44
N PRO A 11 -3.77 -7.54 2.98
CA PRO A 11 -3.29 -7.66 1.58
C PRO A 11 -4.29 -7.15 0.57
N VAL A 12 -3.80 -6.27 -0.29
CA VAL A 12 -4.62 -5.66 -1.32
C VAL A 12 -4.03 -5.92 -2.71
N PHE A 13 -4.92 -5.94 -3.71
CA PHE A 13 -4.52 -6.18 -5.09
C PHE A 13 -4.83 -4.96 -5.95
N ASP A 14 -3.85 -4.50 -6.71
CA ASP A 14 -4.04 -3.33 -7.57
C ASP A 14 -4.64 -3.73 -8.91
N GLU A 15 -5.18 -2.74 -9.62
CA GLU A 15 -5.79 -2.96 -10.92
C GLU A 15 -4.82 -3.63 -11.88
N PHE A 16 -3.54 -3.66 -11.52
CA PHE A 16 -2.51 -4.26 -12.35
C PHE A 16 -2.16 -5.63 -11.80
N GLY A 17 -2.87 -6.02 -10.76
CA GLY A 17 -2.65 -7.32 -10.14
C GLY A 17 -1.42 -7.30 -9.24
N ARG A 18 -0.99 -6.11 -8.84
CA ARG A 18 0.17 -5.98 -7.97
C ARG A 18 -0.20 -6.41 -6.55
N MET A 19 0.80 -6.88 -5.81
CA MET A 19 0.57 -7.34 -4.43
C MET A 19 1.04 -6.30 -3.40
N TYR A 20 0.10 -5.86 -2.57
CA TYR A 20 0.39 -4.88 -1.52
C TYR A 20 -0.11 -5.40 -0.18
N SER A 21 0.66 -5.19 0.87
CA SER A 21 0.26 -5.66 2.20
C SER A 21 -0.98 -4.93 2.69
N ASN A 22 -1.02 -3.60 2.55
CA ASN A 22 -2.17 -2.81 3.01
C ASN A 22 -2.35 -1.59 2.10
N SER A 23 -3.52 -0.95 2.21
CA SER A 23 -3.81 0.24 1.42
C SER A 23 -2.83 1.35 1.79
N CYS A 24 -2.35 1.32 3.03
CA CYS A 24 -1.38 2.31 3.47
C CYS A 24 -0.14 2.20 2.61
N GLU A 25 0.31 0.96 2.47
CA GLU A 25 1.48 0.66 1.66
C GLU A 25 1.23 1.04 0.21
N MET A 26 0.00 0.84 -0.26
CA MET A 26 -0.35 1.17 -1.64
C MET A 26 -0.11 2.65 -1.92
N GLN A 27 -0.58 3.50 -1.02
CA GLN A 27 -0.41 4.95 -1.19
C GLN A 27 1.06 5.34 -0.98
N ARG A 28 1.67 4.78 0.05
CA ARG A 28 3.06 5.09 0.36
C ARG A 28 3.98 4.68 -0.79
N ALA A 29 3.81 3.47 -1.27
CA ALA A 29 4.64 2.96 -2.35
C ALA A 29 4.52 3.84 -3.59
N ARG A 30 3.30 4.14 -3.99
CA ARG A 30 3.07 4.98 -5.16
C ARG A 30 3.54 6.40 -4.88
N CYS A 31 3.30 6.85 -3.66
CA CYS A 31 3.71 8.19 -3.24
C CYS A 31 5.23 8.35 -3.31
N LEU A 32 5.95 7.30 -2.89
CA LEU A 32 7.41 7.36 -2.92
C LEU A 32 7.92 7.48 -4.35
N ARG A 33 7.23 6.83 -5.28
CA ARG A 33 7.63 6.88 -6.69
C ARG A 33 7.61 8.32 -7.20
N GLY A 34 6.61 9.09 -6.75
CA GLY A 34 6.49 10.48 -7.17
C GLY A 34 5.39 11.20 -6.40
N CYS A 1 -0.44 11.02 0.87
CA CYS A 1 -0.17 9.61 1.28
C CYS A 1 0.09 9.57 2.78
N PRO A 2 -0.26 8.50 3.46
CA PRO A 2 -0.05 8.36 4.94
C PRO A 2 1.42 8.17 5.29
N GLN A 3 1.81 8.64 6.47
CA GLN A 3 3.20 8.51 6.93
C GLN A 3 3.38 7.24 7.75
N VAL A 4 2.28 6.56 8.04
CA VAL A 4 2.32 5.31 8.82
C VAL A 4 1.32 4.31 8.26
N CYS A 5 1.53 3.03 8.58
CA CYS A 5 0.64 1.96 8.11
C CYS A 5 0.30 1.01 9.26
N PRO A 6 -0.88 0.41 9.24
CA PRO A 6 -1.29 -0.54 10.32
C PRO A 6 -0.52 -1.85 10.27
N ALA A 7 -0.29 -2.45 11.43
CA ALA A 7 0.42 -3.72 11.52
C ALA A 7 -0.58 -4.88 11.46
N ILE A 8 -1.84 -4.55 11.25
CA ILE A 8 -2.89 -5.56 11.17
C ILE A 8 -2.64 -6.50 9.98
N TYR A 9 -2.22 -5.92 8.85
CA TYR A 9 -1.95 -6.70 7.65
C TYR A 9 -3.25 -7.01 6.90
N GLN A 10 -3.55 -6.20 5.89
CA GLN A 10 -4.77 -6.37 5.09
C GLN A 10 -4.46 -6.42 3.59
N PRO A 11 -3.84 -7.47 3.14
CA PRO A 11 -3.46 -7.63 1.70
C PRO A 11 -4.50 -7.13 0.73
N VAL A 12 -4.03 -6.30 -0.19
CA VAL A 12 -4.88 -5.72 -1.22
C VAL A 12 -4.25 -5.93 -2.60
N PHE A 13 -5.08 -5.87 -3.62
CA PHE A 13 -4.63 -6.05 -5.01
C PHE A 13 -4.84 -4.76 -5.80
N ASP A 14 -3.80 -4.35 -6.54
CA ASP A 14 -3.89 -3.14 -7.34
C ASP A 14 -4.58 -3.43 -8.67
N GLU A 15 -5.01 -2.37 -9.35
CA GLU A 15 -5.68 -2.49 -10.63
C GLU A 15 -4.82 -3.29 -11.63
N PHE A 16 -3.51 -3.28 -11.41
CA PHE A 16 -2.59 -4.00 -12.27
C PHE A 16 -2.45 -5.42 -11.77
N GLY A 17 -3.16 -5.70 -10.67
CA GLY A 17 -3.13 -7.02 -10.08
C GLY A 17 -1.87 -7.22 -9.24
N ARG A 18 -1.23 -6.12 -8.86
CA ARG A 18 -0.03 -6.20 -8.05
C ARG A 18 -0.37 -6.53 -6.61
N MET A 19 0.53 -7.22 -5.92
CA MET A 19 0.30 -7.63 -4.53
C MET A 19 0.87 -6.61 -3.54
N TYR A 20 0.04 -6.22 -2.59
CA TYR A 20 0.42 -5.28 -1.53
C TYR A 20 -0.05 -5.80 -0.19
N SER A 21 0.69 -5.53 0.88
CA SER A 21 0.28 -6.00 2.20
C SER A 21 -0.97 -5.26 2.68
N ASN A 22 -1.08 -3.97 2.35
CA ASN A 22 -2.24 -3.20 2.76
C ASN A 22 -2.38 -1.94 1.91
N SER A 23 -3.54 -1.28 2.03
CA SER A 23 -3.80 -0.05 1.27
C SER A 23 -2.83 1.06 1.65
N CYS A 24 -2.43 1.13 2.90
CA CYS A 24 -1.50 2.17 3.31
C CYS A 24 -0.23 2.01 2.50
N GLU A 25 0.22 0.77 2.39
CA GLU A 25 1.42 0.46 1.64
C GLU A 25 1.22 0.82 0.17
N MET A 26 0.01 0.60 -0.33
CA MET A 26 -0.29 0.92 -1.72
C MET A 26 -0.09 2.42 -1.97
N GLN A 27 -0.59 3.23 -1.04
CA GLN A 27 -0.45 4.68 -1.16
C GLN A 27 1.01 5.09 -0.97
N ARG A 28 1.68 4.44 -0.02
CA ARG A 28 3.07 4.74 0.27
C ARG A 28 3.97 4.46 -0.91
N ALA A 29 3.76 3.32 -1.54
CA ALA A 29 4.60 2.93 -2.69
C ALA A 29 4.60 4.02 -3.75
N ARG A 30 3.42 4.50 -4.11
CA ARG A 30 3.32 5.57 -5.10
C ARG A 30 3.91 6.84 -4.53
N CYS A 31 3.69 7.06 -3.24
CA CYS A 31 4.20 8.24 -2.56
C CYS A 31 5.73 8.28 -2.59
N LEU A 32 6.34 7.13 -2.33
CA LEU A 32 7.80 7.03 -2.33
C LEU A 32 8.35 7.33 -3.72
N ARG A 33 7.67 6.84 -4.74
CA ARG A 33 8.10 7.05 -6.11
C ARG A 33 8.03 8.55 -6.46
N GLY A 34 9.11 9.06 -7.03
CA GLY A 34 9.17 10.47 -7.41
C GLY A 34 8.93 11.36 -6.19
N CYS A 1 -0.02 11.23 1.42
CA CYS A 1 0.21 9.79 1.70
C CYS A 1 0.59 9.62 3.18
N PRO A 2 0.24 8.51 3.80
CA PRO A 2 0.57 8.26 5.23
C PRO A 2 2.07 7.96 5.43
N GLN A 3 2.59 8.35 6.59
CA GLN A 3 4.00 8.12 6.90
C GLN A 3 4.17 6.81 7.66
N VAL A 4 3.05 6.26 8.13
CA VAL A 4 3.07 4.99 8.87
C VAL A 4 1.92 4.11 8.41
N CYS A 5 2.03 2.80 8.66
CA CYS A 5 0.99 1.85 8.26
C CYS A 5 0.65 0.90 9.41
N PRO A 6 -0.58 0.43 9.49
CA PRO A 6 -1.00 -0.50 10.60
C PRO A 6 -0.38 -1.90 10.44
N ALA A 7 -0.20 -2.57 11.57
CA ALA A 7 0.36 -3.92 11.58
C ALA A 7 -0.75 -4.96 11.42
N ILE A 8 -1.97 -4.47 11.18
CA ILE A 8 -3.12 -5.36 11.02
C ILE A 8 -2.89 -6.31 9.85
N TYR A 9 -2.40 -5.78 8.74
CA TYR A 9 -2.14 -6.59 7.55
C TYR A 9 -3.44 -6.88 6.81
N GLN A 10 -3.74 -6.09 5.78
CA GLN A 10 -4.96 -6.28 4.99
C GLN A 10 -4.61 -6.31 3.50
N PRO A 11 -4.06 -7.40 3.05
CA PRO A 11 -3.64 -7.58 1.63
C PRO A 11 -4.65 -7.08 0.61
N VAL A 12 -4.14 -6.29 -0.32
CA VAL A 12 -4.96 -5.71 -1.39
C VAL A 12 -4.34 -5.99 -2.75
N PHE A 13 -5.19 -5.98 -3.78
CA PHE A 13 -4.76 -6.22 -5.16
C PHE A 13 -4.91 -4.94 -5.99
N ASP A 14 -3.93 -4.68 -6.86
CA ASP A 14 -3.98 -3.49 -7.71
C ASP A 14 -4.32 -3.88 -9.15
N GLU A 15 -4.90 -2.93 -9.88
CA GLU A 15 -5.32 -3.17 -11.26
C GLU A 15 -4.15 -3.61 -12.13
N PHE A 16 -2.95 -3.66 -11.56
CA PHE A 16 -1.77 -4.07 -12.29
C PHE A 16 -1.46 -5.52 -11.94
N GLY A 17 -2.31 -6.09 -11.10
CA GLY A 17 -2.15 -7.47 -10.68
C GLY A 17 -1.09 -7.54 -9.58
N ARG A 18 -0.64 -6.37 -9.14
CA ARG A 18 0.37 -6.30 -8.09
C ARG A 18 -0.28 -6.45 -6.72
N MET A 19 0.37 -7.22 -5.84
CA MET A 19 -0.16 -7.44 -4.49
C MET A 19 0.46 -6.51 -3.48
N TYR A 20 -0.38 -5.92 -2.63
CA TYR A 20 0.05 -5.00 -1.59
C TYR A 20 -0.43 -5.50 -0.24
N SER A 21 0.38 -5.31 0.79
CA SER A 21 0.01 -5.76 2.14
C SER A 21 -1.23 -5.02 2.64
N ASN A 22 -1.29 -3.71 2.43
CA ASN A 22 -2.46 -2.93 2.89
C ASN A 22 -2.58 -1.60 2.14
N SER A 23 -3.70 -0.92 2.36
CA SER A 23 -3.97 0.36 1.69
C SER A 23 -2.90 1.39 2.02
N CYS A 24 -2.49 1.46 3.27
CA CYS A 24 -1.48 2.42 3.64
C CYS A 24 -0.25 2.20 2.79
N GLU A 25 0.12 0.94 2.64
CA GLU A 25 1.27 0.59 1.84
C GLU A 25 1.04 1.01 0.38
N MET A 26 -0.20 0.84 -0.08
CA MET A 26 -0.54 1.21 -1.45
C MET A 26 -0.31 2.70 -1.67
N GLN A 27 -0.79 3.50 -0.72
CA GLN A 27 -0.62 4.95 -0.80
C GLN A 27 0.85 5.32 -0.56
N ARG A 28 1.46 4.64 0.39
CA ARG A 28 2.86 4.90 0.74
C ARG A 28 3.79 4.59 -0.43
N ALA A 29 3.60 3.43 -1.05
CA ALA A 29 4.43 3.02 -2.17
C ALA A 29 4.31 4.01 -3.33
N ARG A 30 3.09 4.41 -3.63
CA ARG A 30 2.85 5.36 -4.71
C ARG A 30 3.49 6.70 -4.38
N CYS A 31 3.44 7.06 -3.10
CA CYS A 31 4.02 8.31 -2.64
C CYS A 31 5.51 8.38 -2.95
N LEU A 32 6.21 7.27 -2.71
CA LEU A 32 7.64 7.22 -2.97
C LEU A 32 7.92 7.39 -4.46
N ARG A 33 7.09 6.78 -5.29
CA ARG A 33 7.25 6.87 -6.73
C ARG A 33 6.73 8.20 -7.25
N GLY A 34 7.38 8.74 -8.28
CA GLY A 34 6.97 10.02 -8.84
C GLY A 34 7.12 11.14 -7.84
N CYS A 1 0.49 11.08 1.61
CA CYS A 1 0.96 9.69 1.84
C CYS A 1 1.03 9.43 3.36
N PRO A 2 0.21 8.55 3.92
CA PRO A 2 0.23 8.27 5.38
C PRO A 2 1.66 8.06 5.91
N GLN A 3 1.95 8.71 7.04
CA GLN A 3 3.28 8.62 7.66
C GLN A 3 3.55 7.21 8.19
N VAL A 4 2.51 6.58 8.74
CA VAL A 4 2.64 5.24 9.32
C VAL A 4 1.59 4.30 8.74
N CYS A 5 1.81 2.99 8.89
CA CYS A 5 0.88 1.98 8.38
C CYS A 5 0.51 0.99 9.49
N PRO A 6 -0.69 0.44 9.46
CA PRO A 6 -1.13 -0.54 10.50
C PRO A 6 -0.42 -1.88 10.36
N ALA A 7 -0.21 -2.54 11.50
CA ALA A 7 0.46 -3.84 11.53
C ALA A 7 -0.57 -4.96 11.40
N ILE A 8 -1.83 -4.57 11.19
CA ILE A 8 -2.91 -5.53 11.06
C ILE A 8 -2.69 -6.44 9.86
N TYR A 9 -2.26 -5.86 8.74
CA TYR A 9 -2.00 -6.64 7.53
C TYR A 9 -3.31 -6.89 6.77
N GLN A 10 -3.58 -6.08 5.75
CA GLN A 10 -4.81 -6.22 4.95
C GLN A 10 -4.48 -6.27 3.47
N PRO A 11 -3.93 -7.37 3.01
CA PRO A 11 -3.54 -7.56 1.58
C PRO A 11 -4.54 -7.00 0.60
N VAL A 12 -4.01 -6.22 -0.34
CA VAL A 12 -4.83 -5.58 -1.37
C VAL A 12 -4.23 -5.85 -2.75
N PHE A 13 -5.10 -5.85 -3.77
CA PHE A 13 -4.68 -6.09 -5.15
C PHE A 13 -4.98 -4.87 -6.02
N ASP A 14 -4.03 -4.49 -6.87
CA ASP A 14 -4.21 -3.35 -7.77
C ASP A 14 -4.59 -3.83 -9.17
N GLU A 15 -5.27 -2.97 -9.91
CA GLU A 15 -5.71 -3.29 -11.27
C GLU A 15 -4.54 -3.66 -12.17
N PHE A 16 -3.33 -3.62 -11.63
CA PHE A 16 -2.14 -3.97 -12.39
C PHE A 16 -1.71 -5.37 -12.01
N GLY A 17 -2.49 -5.98 -11.12
CA GLY A 17 -2.21 -7.33 -10.67
C GLY A 17 -1.10 -7.31 -9.62
N ARG A 18 -0.73 -6.11 -9.20
CA ARG A 18 0.32 -5.95 -8.19
C ARG A 18 -0.24 -6.25 -6.80
N MET A 19 0.58 -6.89 -5.97
CA MET A 19 0.16 -7.24 -4.61
C MET A 19 0.66 -6.24 -3.59
N TYR A 20 -0.22 -5.84 -2.68
CA TYR A 20 0.13 -4.88 -1.61
C TYR A 20 -0.32 -5.45 -0.27
N SER A 21 0.51 -5.28 0.76
CA SER A 21 0.16 -5.78 2.08
C SER A 21 -1.07 -5.06 2.64
N ASN A 22 -1.13 -3.73 2.48
CA ASN A 22 -2.28 -2.97 2.96
C ASN A 22 -2.42 -1.67 2.18
N SER A 23 -3.56 -0.99 2.36
CA SER A 23 -3.83 0.26 1.66
C SER A 23 -2.82 1.35 2.03
N CYS A 24 -2.35 1.35 3.27
CA CYS A 24 -1.36 2.35 3.66
C CYS A 24 -0.13 2.18 2.78
N GLU A 25 0.26 0.92 2.61
CA GLU A 25 1.42 0.60 1.78
C GLU A 25 1.15 1.03 0.34
N MET A 26 -0.10 0.88 -0.10
CA MET A 26 -0.46 1.26 -1.47
C MET A 26 -0.19 2.75 -1.69
N GLN A 27 -0.64 3.58 -0.74
CA GLN A 27 -0.43 5.02 -0.86
C GLN A 27 1.05 5.37 -0.66
N ARG A 28 1.67 4.73 0.32
CA ARG A 28 3.07 4.99 0.61
C ARG A 28 3.96 4.58 -0.56
N ALA A 29 3.74 3.37 -1.05
CA ALA A 29 4.54 2.85 -2.16
C ALA A 29 4.39 3.72 -3.41
N ARG A 30 3.15 4.06 -3.75
CA ARG A 30 2.91 4.90 -4.92
C ARG A 30 3.50 6.28 -4.70
N CYS A 31 3.37 6.77 -3.48
CA CYS A 31 3.89 8.08 -3.12
C CYS A 31 5.41 8.11 -3.32
N LEU A 32 6.08 7.07 -2.82
CA LEU A 32 7.54 6.98 -2.95
C LEU A 32 7.92 6.88 -4.42
N ARG A 33 7.11 6.17 -5.19
CA ARG A 33 7.37 5.99 -6.62
C ARG A 33 7.43 7.36 -7.32
N GLY A 34 6.49 8.23 -6.98
CA GLY A 34 6.44 9.55 -7.57
C GLY A 34 7.82 10.22 -7.53
N CYS A 1 -0.08 10.64 1.40
CA CYS A 1 0.57 9.34 1.74
C CYS A 1 0.64 9.21 3.28
N PRO A 2 -0.15 8.35 3.90
CA PRO A 2 -0.12 8.18 5.37
C PRO A 2 1.30 8.05 5.93
N GLN A 3 1.57 8.75 7.01
CA GLN A 3 2.89 8.73 7.64
C GLN A 3 3.23 7.32 8.16
N VAL A 4 2.23 6.62 8.68
CA VAL A 4 2.44 5.27 9.23
C VAL A 4 1.43 4.30 8.64
N CYS A 5 1.71 3.00 8.77
CA CYS A 5 0.85 1.95 8.25
C CYS A 5 0.44 0.99 9.38
N PRO A 6 -0.73 0.40 9.33
CA PRO A 6 -1.19 -0.54 10.38
C PRO A 6 -0.45 -1.88 10.32
N ALA A 7 -0.28 -2.51 11.49
CA ALA A 7 0.40 -3.80 11.57
C ALA A 7 -0.58 -4.93 11.35
N ILE A 8 -1.85 -4.59 11.12
CA ILE A 8 -2.88 -5.59 10.91
C ILE A 8 -2.56 -6.43 9.67
N TYR A 9 -2.12 -5.77 8.60
CA TYR A 9 -1.78 -6.46 7.36
C TYR A 9 -3.05 -6.82 6.59
N GLN A 10 -3.40 -6.00 5.60
CA GLN A 10 -4.59 -6.24 4.79
C GLN A 10 -4.26 -6.17 3.30
N PRO A 11 -3.53 -7.13 2.81
CA PRO A 11 -3.11 -7.18 1.38
C PRO A 11 -4.20 -6.74 0.42
N VAL A 12 -3.81 -5.81 -0.43
CA VAL A 12 -4.70 -5.24 -1.43
C VAL A 12 -4.22 -5.58 -2.84
N PHE A 13 -5.13 -5.47 -3.81
CA PHE A 13 -4.82 -5.75 -5.21
C PHE A 13 -4.75 -4.46 -6.02
N ASP A 14 -3.67 -4.30 -6.77
CA ASP A 14 -3.47 -3.11 -7.59
C ASP A 14 -4.15 -3.29 -8.96
N GLU A 15 -4.35 -2.19 -9.66
CA GLU A 15 -4.98 -2.22 -10.97
C GLU A 15 -4.24 -3.17 -11.92
N PHE A 16 -2.96 -3.39 -11.64
CA PHE A 16 -2.14 -4.26 -12.46
C PHE A 16 -2.26 -5.67 -11.93
N GLY A 17 -3.04 -5.81 -10.87
CA GLY A 17 -3.26 -7.10 -10.25
C GLY A 17 -2.10 -7.48 -9.35
N ARG A 18 -1.32 -6.49 -8.96
CA ARG A 18 -0.16 -6.74 -8.09
C ARG A 18 -0.62 -6.85 -6.64
N MET A 19 0.03 -7.73 -5.88
CA MET A 19 -0.33 -7.95 -4.48
C MET A 19 0.53 -7.08 -3.56
N TYR A 20 -0.13 -6.42 -2.60
CA TYR A 20 0.54 -5.57 -1.63
C TYR A 20 0.23 -6.06 -0.21
N SER A 21 0.63 -5.27 0.78
CA SER A 21 0.40 -5.62 2.18
C SER A 21 -0.86 -4.94 2.70
N ASN A 22 -1.00 -3.64 2.43
CA ASN A 22 -2.18 -2.91 2.89
C ASN A 22 -2.36 -1.60 2.13
N SER A 23 -3.45 -0.90 2.41
CA SER A 23 -3.76 0.38 1.75
C SER A 23 -2.67 1.42 2.01
N CYS A 24 -2.21 1.50 3.24
CA CYS A 24 -1.17 2.45 3.58
C CYS A 24 0.04 2.20 2.71
N GLU A 25 0.40 0.93 2.61
CA GLU A 25 1.53 0.53 1.78
C GLU A 25 1.28 0.90 0.32
N MET A 26 0.04 0.69 -0.12
CA MET A 26 -0.33 1.02 -1.49
C MET A 26 -0.13 2.51 -1.76
N GLN A 27 -0.62 3.34 -0.85
CA GLN A 27 -0.48 4.78 -1.01
C GLN A 27 0.96 5.20 -0.80
N ARG A 28 1.61 4.62 0.21
CA ARG A 28 2.99 4.94 0.52
C ARG A 28 3.91 4.55 -0.64
N ALA A 29 3.76 3.32 -1.10
CA ALA A 29 4.59 2.83 -2.20
C ALA A 29 4.41 3.68 -3.45
N ARG A 30 3.16 3.97 -3.80
CA ARG A 30 2.89 4.79 -4.96
C ARG A 30 3.42 6.20 -4.74
N CYS A 31 3.23 6.69 -3.52
CA CYS A 31 3.69 8.02 -3.16
C CYS A 31 5.21 8.12 -3.25
N LEU A 32 5.89 7.13 -2.69
CA LEU A 32 7.36 7.10 -2.73
C LEU A 32 7.85 7.03 -4.17
N ARG A 33 7.16 6.23 -4.98
CA ARG A 33 7.53 6.07 -6.38
C ARG A 33 7.44 7.41 -7.11
N GLY A 34 6.37 8.16 -6.84
CA GLY A 34 6.19 9.46 -7.48
C GLY A 34 7.16 10.49 -6.92
N CYS A 1 -1.13 9.11 1.95
CA CYS A 1 0.02 8.20 2.21
C CYS A 1 0.68 8.58 3.55
N PRO A 2 0.16 8.09 4.64
CA PRO A 2 0.72 8.38 5.99
C PRO A 2 2.19 7.99 6.09
N GLN A 3 2.90 8.59 7.04
CA GLN A 3 4.32 8.30 7.21
C GLN A 3 4.53 6.82 7.52
N VAL A 4 3.63 6.24 8.30
CA VAL A 4 3.70 4.82 8.66
C VAL A 4 2.38 4.15 8.37
N CYS A 5 2.42 2.83 8.16
CA CYS A 5 1.22 2.04 7.86
C CYS A 5 0.87 1.12 9.04
N PRO A 6 -0.39 0.79 9.22
CA PRO A 6 -0.82 -0.08 10.36
C PRO A 6 -0.32 -1.52 10.22
N ALA A 7 -0.14 -2.18 11.36
CA ALA A 7 0.33 -3.57 11.38
C ALA A 7 -0.85 -4.52 11.22
N ILE A 8 -2.01 -3.98 10.87
CA ILE A 8 -3.21 -4.78 10.70
C ILE A 8 -2.97 -5.84 9.61
N TYR A 9 -2.30 -5.44 8.55
CA TYR A 9 -2.01 -6.34 7.44
C TYR A 9 -3.30 -6.77 6.74
N GLN A 10 -3.66 -6.04 5.68
CA GLN A 10 -4.87 -6.34 4.92
C GLN A 10 -4.53 -6.44 3.44
N PRO A 11 -3.91 -7.52 3.02
CA PRO A 11 -3.50 -7.73 1.60
C PRO A 11 -4.53 -7.24 0.60
N VAL A 12 -4.03 -6.43 -0.33
CA VAL A 12 -4.85 -5.84 -1.39
C VAL A 12 -4.24 -6.12 -2.76
N PHE A 13 -5.10 -6.18 -3.78
CA PHE A 13 -4.67 -6.44 -5.16
C PHE A 13 -5.02 -5.25 -6.05
N ASP A 14 -4.03 -4.76 -6.81
CA ASP A 14 -4.26 -3.64 -7.72
C ASP A 14 -4.69 -4.16 -9.10
N GLU A 15 -5.41 -3.33 -9.83
CA GLU A 15 -5.90 -3.70 -11.16
C GLU A 15 -4.76 -4.08 -12.09
N PHE A 16 -3.53 -3.99 -11.60
CA PHE A 16 -2.35 -4.34 -12.39
C PHE A 16 -1.89 -5.73 -11.99
N GLY A 17 -2.61 -6.31 -11.04
CA GLY A 17 -2.28 -7.65 -10.56
C GLY A 17 -1.17 -7.58 -9.52
N ARG A 18 -0.78 -6.37 -9.15
CA ARG A 18 0.28 -6.19 -8.16
C ARG A 18 -0.26 -6.47 -6.76
N MET A 19 0.59 -7.05 -5.92
CA MET A 19 0.20 -7.40 -4.55
C MET A 19 0.67 -6.34 -3.54
N TYR A 20 -0.23 -5.95 -2.64
CA TYR A 20 0.08 -4.98 -1.60
C TYR A 20 -0.36 -5.53 -0.25
N SER A 21 0.46 -5.32 0.78
CA SER A 21 0.13 -5.82 2.11
C SER A 21 -1.14 -5.16 2.64
N ASN A 22 -1.26 -3.84 2.46
CA ASN A 22 -2.45 -3.13 2.94
C ASN A 22 -2.69 -1.88 2.10
N SER A 23 -3.86 -1.27 2.27
CA SER A 23 -4.22 -0.07 1.52
C SER A 23 -3.23 1.07 1.77
N CYS A 24 -2.76 1.20 3.01
CA CYS A 24 -1.82 2.25 3.35
C CYS A 24 -0.55 2.12 2.50
N GLU A 25 -0.06 0.90 2.43
CA GLU A 25 1.14 0.62 1.65
C GLU A 25 0.92 1.02 0.20
N MET A 26 -0.30 0.79 -0.28
CA MET A 26 -0.67 1.13 -1.64
C MET A 26 -0.38 2.61 -1.91
N GLN A 27 -1.00 3.48 -1.11
CA GLN A 27 -0.82 4.92 -1.28
C GLN A 27 0.62 5.32 -0.97
N ARG A 28 1.19 4.71 0.05
CA ARG A 28 2.57 5.00 0.46
C ARG A 28 3.53 4.68 -0.68
N ALA A 29 3.29 3.56 -1.33
CA ALA A 29 4.16 3.13 -2.42
C ALA A 29 4.20 4.18 -3.53
N ARG A 30 3.03 4.69 -3.92
CA ARG A 30 2.97 5.72 -4.95
C ARG A 30 3.63 7.00 -4.44
N CYS A 31 3.38 7.31 -3.18
CA CYS A 31 3.95 8.49 -2.55
C CYS A 31 5.45 8.30 -2.32
N LEU A 32 5.86 7.06 -2.11
CA LEU A 32 7.27 6.76 -1.88
C LEU A 32 8.10 7.16 -3.10
N ARG A 33 7.58 6.92 -4.29
CA ARG A 33 8.28 7.26 -5.51
C ARG A 33 8.48 8.77 -5.61
N GLY A 34 7.47 9.53 -5.18
CA GLY A 34 7.55 10.99 -5.23
C GLY A 34 8.63 11.51 -4.29
N CYS A 1 -0.94 9.32 2.05
CA CYS A 1 0.15 8.33 2.23
C CYS A 1 0.87 8.61 3.55
N PRO A 2 0.33 8.13 4.64
CA PRO A 2 0.94 8.32 6.00
C PRO A 2 2.38 7.76 6.07
N GLN A 3 3.18 8.35 6.96
CA GLN A 3 4.56 7.91 7.12
C GLN A 3 4.62 6.44 7.52
N VAL A 4 3.71 6.02 8.39
CA VAL A 4 3.66 4.63 8.85
C VAL A 4 2.33 4.00 8.47
N CYS A 5 2.28 2.67 8.44
CA CYS A 5 1.05 1.95 8.07
C CYS A 5 0.64 0.97 9.17
N PRO A 6 -0.63 0.63 9.29
CA PRO A 6 -1.10 -0.32 10.33
C PRO A 6 -0.29 -1.61 10.36
N ALA A 7 -0.41 -2.33 11.48
CA ALA A 7 0.29 -3.61 11.65
C ALA A 7 -0.70 -4.75 11.50
N ILE A 8 -1.96 -4.40 11.28
CA ILE A 8 -3.02 -5.40 11.12
C ILE A 8 -2.75 -6.30 9.92
N TYR A 9 -2.34 -5.69 8.81
CA TYR A 9 -2.05 -6.44 7.58
C TYR A 9 -3.36 -6.73 6.83
N GLN A 10 -3.63 -5.96 5.78
CA GLN A 10 -4.85 -6.14 4.99
C GLN A 10 -4.53 -6.25 3.50
N PRO A 11 -3.91 -7.34 3.09
CA PRO A 11 -3.50 -7.58 1.69
C PRO A 11 -4.53 -7.10 0.68
N VAL A 12 -4.02 -6.36 -0.30
CA VAL A 12 -4.86 -5.79 -1.38
C VAL A 12 -4.25 -6.10 -2.75
N PHE A 13 -5.12 -6.16 -3.76
CA PHE A 13 -4.70 -6.44 -5.13
C PHE A 13 -5.00 -5.24 -6.04
N ASP A 14 -4.05 -4.89 -6.90
CA ASP A 14 -4.24 -3.77 -7.83
C ASP A 14 -4.62 -4.29 -9.22
N GLU A 15 -5.29 -3.43 -9.98
CA GLU A 15 -5.73 -3.78 -11.33
C GLU A 15 -4.57 -4.18 -12.22
N PHE A 16 -3.35 -4.07 -11.69
CA PHE A 16 -2.16 -4.45 -12.44
C PHE A 16 -1.72 -5.83 -12.01
N GLY A 17 -2.48 -6.40 -11.08
CA GLY A 17 -2.18 -7.73 -10.56
C GLY A 17 -1.05 -7.66 -9.55
N ARG A 18 -0.74 -6.44 -9.12
CA ARG A 18 0.33 -6.24 -8.13
C ARG A 18 -0.22 -6.42 -6.73
N MET A 19 0.54 -7.12 -5.90
CA MET A 19 0.13 -7.40 -4.52
C MET A 19 0.62 -6.33 -3.55
N TYR A 20 -0.26 -5.92 -2.64
CA TYR A 20 0.07 -4.93 -1.61
C TYR A 20 -0.37 -5.44 -0.25
N SER A 21 0.43 -5.17 0.78
CA SER A 21 0.10 -5.62 2.12
C SER A 21 -1.17 -4.94 2.63
N ASN A 22 -1.29 -3.63 2.40
CA ASN A 22 -2.48 -2.89 2.85
C ASN A 22 -2.68 -1.63 2.02
N SER A 23 -3.85 -1.01 2.14
CA SER A 23 -4.16 0.21 1.38
C SER A 23 -3.20 1.34 1.75
N CYS A 24 -2.77 1.38 3.01
CA CYS A 24 -1.84 2.41 3.43
C CYS A 24 -0.58 2.31 2.58
N GLU A 25 -0.12 1.08 2.42
CA GLU A 25 1.06 0.79 1.62
C GLU A 25 0.81 1.17 0.17
N MET A 26 -0.41 0.93 -0.31
CA MET A 26 -0.75 1.25 -1.69
C MET A 26 -0.56 2.74 -1.98
N GLN A 27 -1.05 3.58 -1.07
CA GLN A 27 -0.92 5.02 -1.23
C GLN A 27 0.53 5.44 -0.99
N ARG A 28 1.16 4.81 0.00
CA ARG A 28 2.54 5.10 0.36
C ARG A 28 3.48 4.77 -0.80
N ALA A 29 3.19 3.66 -1.47
CA ALA A 29 4.03 3.21 -2.58
C ALA A 29 4.13 4.28 -3.67
N ARG A 30 2.99 4.83 -4.08
CA ARG A 30 3.01 5.86 -5.12
C ARG A 30 3.68 7.12 -4.58
N CYS A 31 3.36 7.45 -3.34
CA CYS A 31 3.95 8.62 -2.69
C CYS A 31 5.46 8.44 -2.49
N LEU A 32 5.86 7.23 -2.18
CA LEU A 32 7.28 6.92 -1.96
C LEU A 32 8.07 7.18 -3.25
N ARG A 33 7.48 6.81 -4.38
CA ARG A 33 8.14 7.00 -5.67
C ARG A 33 8.43 8.48 -5.91
N GLY A 34 7.46 9.33 -5.60
CA GLY A 34 7.62 10.77 -5.78
C GLY A 34 6.53 11.54 -5.04
N CYS A 1 0.35 11.22 1.59
CA CYS A 1 0.79 9.81 1.85
C CYS A 1 0.90 9.59 3.36
N PRO A 2 0.49 8.45 3.87
CA PRO A 2 0.56 8.16 5.34
C PRO A 2 2.00 7.92 5.81
N GLN A 3 2.31 8.36 7.02
CA GLN A 3 3.65 8.18 7.59
C GLN A 3 3.74 6.87 8.35
N VAL A 4 2.58 6.24 8.57
CA VAL A 4 2.53 4.96 9.29
C VAL A 4 1.51 4.04 8.64
N CYS A 5 1.64 2.73 8.90
CA CYS A 5 0.72 1.74 8.33
C CYS A 5 0.23 0.79 9.43
N PRO A 6 -0.97 0.28 9.32
CA PRO A 6 -1.53 -0.66 10.35
C PRO A 6 -0.81 -2.00 10.37
N ALA A 7 -0.70 -2.59 11.56
CA ALA A 7 -0.04 -3.88 11.73
C ALA A 7 -1.05 -5.01 11.57
N ILE A 8 -2.30 -4.64 11.30
CA ILE A 8 -3.37 -5.61 11.12
C ILE A 8 -3.05 -6.53 9.94
N TYR A 9 -2.57 -5.94 8.85
CA TYR A 9 -2.23 -6.70 7.65
C TYR A 9 -3.48 -7.00 6.83
N GLN A 10 -3.72 -6.18 5.81
CA GLN A 10 -4.89 -6.36 4.94
C GLN A 10 -4.46 -6.37 3.48
N PRO A 11 -3.86 -7.44 3.03
CA PRO A 11 -3.38 -7.58 1.64
C PRO A 11 -4.37 -7.07 0.62
N VAL A 12 -3.86 -6.23 -0.27
CA VAL A 12 -4.68 -5.63 -1.33
C VAL A 12 -4.06 -5.88 -2.70
N PHE A 13 -4.92 -5.89 -3.72
CA PHE A 13 -4.49 -6.11 -5.10
C PHE A 13 -4.78 -4.88 -5.94
N ASP A 14 -3.81 -4.48 -6.76
CA ASP A 14 -3.97 -3.31 -7.63
C ASP A 14 -4.54 -3.73 -8.99
N GLU A 15 -5.05 -2.76 -9.73
CA GLU A 15 -5.63 -3.01 -11.04
C GLU A 15 -4.62 -3.72 -11.95
N PHE A 16 -3.34 -3.54 -11.65
CA PHE A 16 -2.28 -4.16 -12.44
C PHE A 16 -2.01 -5.54 -11.88
N GLY A 17 -2.75 -5.88 -10.83
CA GLY A 17 -2.61 -7.17 -10.19
C GLY A 17 -1.41 -7.21 -9.26
N ARG A 18 -0.92 -6.03 -8.87
CA ARG A 18 0.21 -5.95 -7.98
C ARG A 18 -0.22 -6.29 -6.55
N MET A 19 0.67 -6.95 -5.81
CA MET A 19 0.35 -7.35 -4.43
C MET A 19 0.89 -6.34 -3.42
N TYR A 20 -0.01 -5.87 -2.57
CA TYR A 20 0.34 -4.91 -1.52
C TYR A 20 -0.16 -5.43 -0.17
N SER A 21 0.63 -5.25 0.88
CA SER A 21 0.24 -5.72 2.20
C SER A 21 -0.99 -4.95 2.71
N ASN A 22 -1.00 -3.63 2.54
CA ASN A 22 -2.13 -2.82 3.01
C ASN A 22 -2.30 -1.55 2.15
N SER A 23 -3.44 -0.88 2.33
CA SER A 23 -3.72 0.35 1.61
C SER A 23 -2.67 1.40 1.92
N CYS A 24 -2.24 1.41 3.17
CA CYS A 24 -1.21 2.36 3.58
C CYS A 24 0.00 2.17 2.69
N GLU A 25 0.40 0.92 2.55
CA GLU A 25 1.53 0.58 1.71
C GLU A 25 1.27 0.99 0.26
N MET A 26 0.02 0.83 -0.18
CA MET A 26 -0.35 1.19 -1.54
C MET A 26 -0.11 2.67 -1.76
N GLN A 27 -0.52 3.49 -0.77
CA GLN A 27 -0.35 4.92 -0.86
C GLN A 27 1.13 5.29 -0.73
N ARG A 28 1.81 4.61 0.18
CA ARG A 28 3.23 4.88 0.40
C ARG A 28 4.07 4.57 -0.84
N ALA A 29 3.86 3.38 -1.40
CA ALA A 29 4.61 2.96 -2.58
C ALA A 29 4.40 3.90 -3.75
N ARG A 30 3.14 4.22 -4.04
CA ARG A 30 2.84 5.12 -5.15
C ARG A 30 3.40 6.51 -4.86
N CYS A 31 3.28 6.92 -3.61
CA CYS A 31 3.78 8.23 -3.19
C CYS A 31 5.29 8.33 -3.40
N LEU A 32 6.02 7.30 -3.00
CA LEU A 32 7.46 7.28 -3.16
C LEU A 32 7.85 7.36 -4.63
N ARG A 33 7.10 6.65 -5.46
CA ARG A 33 7.38 6.66 -6.90
C ARG A 33 7.25 8.07 -7.46
N GLY A 34 6.20 8.77 -7.05
CA GLY A 34 5.98 10.14 -7.52
C GLY A 34 4.57 10.59 -7.21
N CYS A 1 -0.48 10.26 2.24
CA CYS A 1 0.30 8.99 2.29
C CYS A 1 1.11 8.95 3.59
N PRO A 2 0.58 8.39 4.65
CA PRO A 2 1.28 8.32 5.96
C PRO A 2 2.64 7.63 5.84
N GLN A 3 3.62 8.13 6.59
CA GLN A 3 4.96 7.56 6.57
C GLN A 3 4.94 6.13 7.08
N VAL A 4 4.12 5.89 8.10
CA VAL A 4 3.99 4.55 8.69
C VAL A 4 2.63 3.96 8.37
N CYS A 5 2.52 2.64 8.49
CA CYS A 5 1.25 1.94 8.21
C CYS A 5 0.88 1.03 9.37
N PRO A 6 -0.40 0.77 9.57
CA PRO A 6 -0.86 -0.09 10.72
C PRO A 6 -0.53 -1.56 10.53
N ALA A 7 -0.38 -2.27 11.64
CA ALA A 7 -0.07 -3.68 11.62
C ALA A 7 -1.17 -4.45 10.91
N ILE A 8 -2.42 -4.01 11.11
CA ILE A 8 -3.57 -4.67 10.49
C ILE A 8 -3.23 -5.13 9.08
N TYR A 9 -2.95 -6.41 8.94
CA TYR A 9 -2.60 -7.00 7.67
C TYR A 9 -3.85 -7.16 6.80
N GLN A 10 -4.00 -6.32 5.77
CA GLN A 10 -5.18 -6.39 4.89
C GLN A 10 -4.76 -6.44 3.42
N PRO A 11 -4.17 -7.53 3.00
CA PRO A 11 -3.69 -7.72 1.61
C PRO A 11 -4.66 -7.17 0.57
N VAL A 12 -4.10 -6.40 -0.35
CA VAL A 12 -4.88 -5.78 -1.42
C VAL A 12 -4.22 -6.04 -2.78
N PHE A 13 -5.05 -6.08 -3.83
CA PHE A 13 -4.58 -6.32 -5.19
C PHE A 13 -4.84 -5.09 -6.07
N ASP A 14 -3.86 -4.73 -6.90
CA ASP A 14 -4.01 -3.58 -7.79
C ASP A 14 -4.30 -4.06 -9.21
N GLU A 15 -4.94 -3.18 -9.99
CA GLU A 15 -5.32 -3.49 -11.36
C GLU A 15 -4.10 -3.88 -12.21
N PHE A 16 -2.92 -3.82 -11.60
CA PHE A 16 -1.69 -4.18 -12.30
C PHE A 16 -1.29 -5.59 -11.90
N GLY A 17 -2.11 -6.19 -11.04
CA GLY A 17 -1.85 -7.53 -10.56
C GLY A 17 -0.81 -7.50 -9.46
N ARG A 18 -0.44 -6.31 -9.03
CA ARG A 18 0.55 -6.15 -7.97
C ARG A 18 -0.07 -6.41 -6.61
N MET A 19 0.70 -7.04 -5.73
CA MET A 19 0.22 -7.38 -4.39
C MET A 19 0.69 -6.37 -3.35
N TYR A 20 -0.23 -5.96 -2.49
CA TYR A 20 0.06 -5.00 -1.42
C TYR A 20 -0.43 -5.55 -0.09
N SER A 21 0.33 -5.34 0.97
CA SER A 21 -0.07 -5.83 2.29
C SER A 21 -1.34 -5.13 2.77
N ASN A 22 -1.43 -3.82 2.61
CA ASN A 22 -2.61 -3.07 3.03
C ASN A 22 -2.75 -1.78 2.23
N SER A 23 -3.92 -1.15 2.34
CA SER A 23 -4.20 0.10 1.63
C SER A 23 -3.22 1.21 2.03
N CYS A 24 -2.80 1.23 3.29
CA CYS A 24 -1.86 2.25 3.71
C CYS A 24 -0.60 2.12 2.88
N GLU A 25 -0.14 0.88 2.77
CA GLU A 25 1.05 0.57 1.99
C GLU A 25 0.85 0.98 0.53
N MET A 26 -0.37 0.78 0.03
CA MET A 26 -0.68 1.13 -1.35
C MET A 26 -0.46 2.62 -1.59
N GLN A 27 -0.95 3.45 -0.68
CA GLN A 27 -0.78 4.88 -0.80
C GLN A 27 0.68 5.27 -0.63
N ARG A 28 1.33 4.62 0.32
CA ARG A 28 2.74 4.90 0.63
C ARG A 28 3.63 4.64 -0.59
N ALA A 29 3.44 3.50 -1.23
CA ALA A 29 4.26 3.14 -2.39
C ALA A 29 4.15 4.16 -3.52
N ARG A 30 2.93 4.56 -3.85
CA ARG A 30 2.73 5.53 -4.92
C ARG A 30 3.31 6.88 -4.53
N CYS A 31 3.17 7.21 -3.25
CA CYS A 31 3.67 8.49 -2.74
C CYS A 31 5.19 8.59 -2.94
N LEU A 32 5.89 7.47 -2.76
CA LEU A 32 7.33 7.46 -2.93
C LEU A 32 7.69 7.81 -4.37
N ARG A 33 6.91 7.31 -5.32
CA ARG A 33 7.16 7.56 -6.73
C ARG A 33 7.09 9.06 -7.02
N GLY A 34 7.97 9.54 -7.89
CA GLY A 34 8.00 10.95 -8.24
C GLY A 34 6.91 11.28 -9.26
N CYS A 1 -0.05 10.59 1.30
CA CYS A 1 -0.20 9.18 1.76
C CYS A 1 0.02 9.12 3.28
N PRO A 2 -0.67 8.26 4.01
CA PRO A 2 -0.47 8.15 5.48
C PRO A 2 1.00 8.06 5.87
N GLN A 3 1.38 8.79 6.91
CA GLN A 3 2.78 8.78 7.38
C GLN A 3 3.11 7.44 8.02
N VAL A 4 2.08 6.71 8.45
CA VAL A 4 2.26 5.41 9.09
C VAL A 4 1.30 4.39 8.49
N CYS A 5 1.59 3.11 8.69
CA CYS A 5 0.75 2.03 8.16
C CYS A 5 0.37 1.05 9.28
N PRO A 6 -0.79 0.43 9.22
CA PRO A 6 -1.23 -0.54 10.26
C PRO A 6 -0.43 -1.84 10.21
N ALA A 7 -0.22 -2.44 11.38
CA ALA A 7 0.52 -3.69 11.47
C ALA A 7 -0.44 -4.87 11.36
N ILE A 8 -1.73 -4.56 11.17
CA ILE A 8 -2.75 -5.59 11.05
C ILE A 8 -2.46 -6.50 9.86
N TYR A 9 -2.08 -5.89 8.74
CA TYR A 9 -1.78 -6.65 7.52
C TYR A 9 -3.07 -6.98 6.76
N GLN A 10 -3.37 -6.18 5.74
CA GLN A 10 -4.58 -6.39 4.93
C GLN A 10 -4.25 -6.42 3.44
N PRO A 11 -3.61 -7.46 2.99
CA PRO A 11 -3.21 -7.63 1.56
C PRO A 11 -4.26 -7.17 0.58
N VAL A 12 -3.81 -6.36 -0.37
CA VAL A 12 -4.68 -5.81 -1.41
C VAL A 12 -4.09 -6.04 -2.79
N PHE A 13 -4.96 -6.08 -3.79
CA PHE A 13 -4.56 -6.27 -5.17
C PHE A 13 -4.89 -5.02 -5.99
N ASP A 14 -3.88 -4.48 -6.68
CA ASP A 14 -4.08 -3.28 -7.48
C ASP A 14 -4.76 -3.62 -8.82
N GLU A 15 -5.29 -2.59 -9.47
CA GLU A 15 -5.96 -2.75 -10.76
C GLU A 15 -5.05 -3.44 -11.78
N PHE A 16 -3.76 -3.50 -11.47
CA PHE A 16 -2.78 -4.12 -12.36
C PHE A 16 -2.44 -5.51 -11.83
N GLY A 17 -3.11 -5.89 -10.76
CA GLY A 17 -2.90 -7.20 -10.16
C GLY A 17 -1.63 -7.21 -9.32
N ARG A 18 -1.16 -6.03 -8.93
CA ARG A 18 0.04 -5.94 -8.12
C ARG A 18 -0.27 -6.32 -6.68
N MET A 19 0.70 -6.93 -6.00
CA MET A 19 0.51 -7.37 -4.61
C MET A 19 0.99 -6.31 -3.62
N TYR A 20 0.08 -5.90 -2.74
CA TYR A 20 0.38 -4.92 -1.69
C TYR A 20 -0.09 -5.45 -0.35
N SER A 21 0.70 -5.24 0.69
CA SER A 21 0.34 -5.70 2.03
C SER A 21 -0.92 -5.01 2.55
N ASN A 22 -1.03 -3.70 2.34
CA ASN A 22 -2.21 -2.96 2.82
C ASN A 22 -2.38 -1.65 2.05
N SER A 23 -3.51 -0.99 2.30
CA SER A 23 -3.83 0.28 1.63
C SER A 23 -2.78 1.34 1.91
N CYS A 24 -2.34 1.43 3.15
CA CYS A 24 -1.33 2.42 3.50
C CYS A 24 -0.12 2.22 2.60
N GLU A 25 0.27 0.96 2.47
CA GLU A 25 1.40 0.62 1.62
C GLU A 25 1.10 0.99 0.17
N MET A 26 -0.15 0.79 -0.25
CA MET A 26 -0.54 1.13 -1.62
C MET A 26 -0.35 2.62 -1.86
N GLN A 27 -0.80 3.43 -0.91
CA GLN A 27 -0.68 4.89 -1.03
C GLN A 27 0.79 5.31 -0.87
N ARG A 28 1.46 4.69 0.09
CA ARG A 28 2.87 4.99 0.36
C ARG A 28 3.75 4.54 -0.80
N ALA A 29 3.38 3.41 -1.39
CA ALA A 29 4.15 2.87 -2.50
C ALA A 29 4.28 3.90 -3.61
N ARG A 30 3.18 4.58 -3.92
CA ARG A 30 3.21 5.60 -4.97
C ARG A 30 4.09 6.77 -4.51
N CYS A 31 3.99 7.10 -3.23
CA CYS A 31 4.78 8.19 -2.66
C CYS A 31 6.27 7.88 -2.77
N LEU A 32 6.62 6.62 -2.49
CA LEU A 32 8.01 6.19 -2.56
C LEU A 32 8.50 6.27 -3.99
N ARG A 33 7.62 5.94 -4.94
CA ARG A 33 7.97 5.96 -6.35
C ARG A 33 8.41 7.37 -6.76
N GLY A 34 7.67 8.37 -6.30
CA GLY A 34 7.98 9.76 -6.63
C GLY A 34 6.77 10.66 -6.41
N CYS A 1 -0.03 11.15 1.39
CA CYS A 1 0.23 9.72 1.71
C CYS A 1 0.65 9.61 3.19
N PRO A 2 0.33 8.52 3.86
CA PRO A 2 0.69 8.33 5.30
C PRO A 2 2.18 8.03 5.49
N GLN A 3 2.72 8.40 6.64
CA GLN A 3 4.13 8.17 6.95
C GLN A 3 4.30 6.81 7.64
N VAL A 4 3.20 6.28 8.18
CA VAL A 4 3.22 4.98 8.87
C VAL A 4 2.02 4.14 8.44
N CYS A 5 2.10 2.83 8.67
CA CYS A 5 1.01 1.93 8.29
C CYS A 5 0.68 0.96 9.44
N PRO A 6 -0.55 0.52 9.56
CA PRO A 6 -0.97 -0.43 10.64
C PRO A 6 -0.48 -1.85 10.36
N ALA A 7 -0.43 -2.66 11.43
CA ALA A 7 0.02 -4.06 11.30
C ALA A 7 -1.16 -5.01 11.17
N ILE A 8 -2.37 -4.48 10.99
CA ILE A 8 -3.55 -5.31 10.87
C ILE A 8 -3.40 -6.29 9.70
N TYR A 9 -2.55 -5.92 8.74
CA TYR A 9 -2.31 -6.76 7.58
C TYR A 9 -3.61 -7.01 6.82
N GLN A 10 -3.84 -6.20 5.77
CA GLN A 10 -5.05 -6.33 4.95
C GLN A 10 -4.68 -6.38 3.47
N PRO A 11 -4.05 -7.45 3.04
CA PRO A 11 -3.60 -7.63 1.63
C PRO A 11 -4.58 -7.12 0.59
N VAL A 12 -4.03 -6.35 -0.35
CA VAL A 12 -4.81 -5.78 -1.44
C VAL A 12 -4.11 -6.00 -2.78
N PHE A 13 -4.91 -6.02 -3.84
CA PHE A 13 -4.40 -6.22 -5.19
C PHE A 13 -4.67 -4.99 -6.05
N ASP A 14 -3.65 -4.50 -6.74
CA ASP A 14 -3.81 -3.32 -7.59
C ASP A 14 -4.32 -3.72 -8.96
N GLU A 15 -4.84 -2.73 -9.69
CA GLU A 15 -5.37 -2.96 -11.03
C GLU A 15 -4.32 -3.63 -11.93
N PHE A 16 -3.06 -3.45 -11.60
CA PHE A 16 -1.97 -4.04 -12.36
C PHE A 16 -1.70 -5.43 -11.84
N GLY A 17 -2.45 -5.80 -10.80
CA GLY A 17 -2.30 -7.10 -10.20
C GLY A 17 -1.13 -7.15 -9.24
N ARG A 18 -0.69 -5.97 -8.80
CA ARG A 18 0.43 -5.90 -7.87
C ARG A 18 -0.01 -6.30 -6.47
N MET A 19 0.87 -6.94 -5.72
CA MET A 19 0.55 -7.38 -4.37
C MET A 19 0.97 -6.35 -3.32
N TYR A 20 0.01 -5.97 -2.49
CA TYR A 20 0.25 -5.00 -1.41
C TYR A 20 -0.30 -5.54 -0.10
N SER A 21 0.44 -5.34 0.99
CA SER A 21 0.00 -5.82 2.29
C SER A 21 -1.27 -5.10 2.76
N ASN A 22 -1.34 -3.78 2.55
CA ASN A 22 -2.52 -3.03 2.97
C ASN A 22 -2.63 -1.70 2.19
N SER A 23 -3.76 -1.03 2.37
CA SER A 23 -4.03 0.24 1.68
C SER A 23 -2.97 1.30 2.02
N CYS A 24 -2.60 1.37 3.28
CA CYS A 24 -1.61 2.35 3.67
C CYS A 24 -0.35 2.12 2.85
N GLU A 25 0.03 0.86 2.74
CA GLU A 25 1.21 0.49 1.97
C GLU A 25 1.00 0.87 0.50
N MET A 26 -0.23 0.70 0.01
CA MET A 26 -0.53 1.06 -1.38
C MET A 26 -0.27 2.54 -1.61
N GLN A 27 -0.68 3.37 -0.65
CA GLN A 27 -0.48 4.81 -0.74
C GLN A 27 1.00 5.15 -0.64
N ARG A 28 1.71 4.44 0.23
CA ARG A 28 3.13 4.68 0.45
C ARG A 28 3.93 4.45 -0.83
N ALA A 29 3.67 3.32 -1.48
CA ALA A 29 4.38 2.98 -2.70
C ALA A 29 4.14 4.04 -3.78
N ARG A 30 2.90 4.47 -3.91
CA ARG A 30 2.57 5.49 -4.89
C ARG A 30 3.24 6.81 -4.52
N CYS A 31 3.30 7.08 -3.23
CA CYS A 31 3.92 8.30 -2.72
C CYS A 31 5.40 8.33 -3.07
N LEU A 32 6.08 7.21 -2.86
CA LEU A 32 7.51 7.12 -3.14
C LEU A 32 7.76 7.29 -4.64
N ARG A 33 6.89 6.71 -5.45
CA ARG A 33 7.03 6.80 -6.90
C ARG A 33 6.82 8.24 -7.37
N GLY A 34 7.73 8.71 -8.20
CA GLY A 34 7.64 10.08 -8.71
C GLY A 34 6.25 10.37 -9.25
N CYS A 1 0.03 11.19 1.47
CA CYS A 1 0.26 9.75 1.77
C CYS A 1 0.60 9.61 3.26
N PRO A 2 0.23 8.50 3.89
CA PRO A 2 0.52 8.29 5.34
C PRO A 2 2.00 7.95 5.59
N GLN A 3 2.49 8.33 6.77
CA GLN A 3 3.89 8.06 7.13
C GLN A 3 3.99 6.75 7.91
N VAL A 4 2.84 6.20 8.29
CA VAL A 4 2.79 4.94 9.04
C VAL A 4 1.71 4.03 8.47
N CYS A 5 1.83 2.72 8.76
CA CYS A 5 0.86 1.74 8.27
C CYS A 5 0.44 0.80 9.40
N PRO A 6 -0.77 0.29 9.38
CA PRO A 6 -1.27 -0.64 10.45
C PRO A 6 -0.58 -2.00 10.40
N ALA A 7 -0.46 -2.63 11.57
CA ALA A 7 0.17 -3.95 11.67
C ALA A 7 -0.90 -5.03 11.54
N ILE A 8 -2.14 -4.61 11.32
CA ILE A 8 -3.25 -5.55 11.18
C ILE A 8 -3.01 -6.48 9.99
N TYR A 9 -2.55 -5.90 8.88
CA TYR A 9 -2.28 -6.68 7.67
C TYR A 9 -3.57 -6.91 6.89
N GLN A 10 -3.79 -6.09 5.85
CA GLN A 10 -4.99 -6.20 5.02
C GLN A 10 -4.59 -6.26 3.55
N PRO A 11 -4.02 -7.36 3.12
CA PRO A 11 -3.57 -7.54 1.71
C PRO A 11 -4.56 -7.01 0.70
N VAL A 12 -4.03 -6.18 -0.19
CA VAL A 12 -4.83 -5.55 -1.25
C VAL A 12 -4.23 -5.85 -2.62
N PHE A 13 -5.10 -5.87 -3.63
CA PHE A 13 -4.69 -6.14 -5.01
C PHE A 13 -4.95 -4.93 -5.90
N ASP A 14 -4.00 -4.62 -6.79
CA ASP A 14 -4.16 -3.48 -7.71
C ASP A 14 -4.55 -3.98 -9.10
N GLU A 15 -5.23 -3.11 -9.84
CA GLU A 15 -5.68 -3.45 -11.19
C GLU A 15 -4.52 -3.86 -12.10
N PHE A 16 -3.31 -3.82 -11.56
CA PHE A 16 -2.12 -4.19 -12.32
C PHE A 16 -1.73 -5.61 -11.95
N GLY A 17 -2.51 -6.20 -11.05
CA GLY A 17 -2.25 -7.55 -10.60
C GLY A 17 -1.17 -7.56 -9.53
N ARG A 18 -0.75 -6.37 -9.13
CA ARG A 18 0.29 -6.25 -8.11
C ARG A 18 -0.29 -6.51 -6.72
N MET A 19 0.55 -7.06 -5.84
CA MET A 19 0.11 -7.38 -4.48
C MET A 19 0.65 -6.36 -3.47
N TYR A 20 -0.23 -5.92 -2.58
CA TYR A 20 0.14 -4.96 -1.53
C TYR A 20 -0.34 -5.47 -0.18
N SER A 21 0.47 -5.29 0.86
CA SER A 21 0.10 -5.75 2.19
C SER A 21 -1.12 -4.97 2.72
N ASN A 22 -1.11 -3.65 2.56
CA ASN A 22 -2.23 -2.82 3.03
C ASN A 22 -2.42 -1.60 2.14
N SER A 23 -3.56 -0.93 2.30
CA SER A 23 -3.84 0.27 1.53
C SER A 23 -2.84 1.36 1.89
N CYS A 24 -2.31 1.31 3.10
CA CYS A 24 -1.33 2.28 3.53
C CYS A 24 -0.11 2.13 2.64
N GLU A 25 0.32 0.88 2.48
CA GLU A 25 1.46 0.57 1.65
C GLU A 25 1.20 1.01 0.21
N MET A 26 -0.05 0.84 -0.23
CA MET A 26 -0.42 1.23 -1.58
C MET A 26 -0.18 2.72 -1.78
N GLN A 27 -0.58 3.51 -0.79
CA GLN A 27 -0.37 4.96 -0.86
C GLN A 27 1.10 5.30 -0.72
N ARG A 28 1.79 4.57 0.16
CA ARG A 28 3.21 4.80 0.40
C ARG A 28 4.01 4.55 -0.87
N ALA A 29 3.73 3.45 -1.54
CA ALA A 29 4.46 3.11 -2.76
C ALA A 29 4.28 4.21 -3.79
N ARG A 30 3.06 4.69 -3.94
CA ARG A 30 2.78 5.76 -4.89
C ARG A 30 3.47 7.05 -4.43
N CYS A 31 3.49 7.24 -3.11
CA CYS A 31 4.11 8.42 -2.53
C CYS A 31 5.61 8.44 -2.83
N LEU A 32 6.25 7.30 -2.64
CA LEU A 32 7.69 7.19 -2.89
C LEU A 32 7.99 7.42 -4.37
N ARG A 33 7.14 6.89 -5.24
CA ARG A 33 7.33 7.04 -6.67
C ARG A 33 7.27 8.52 -7.06
N GLY A 34 6.30 9.24 -6.50
CA GLY A 34 6.15 10.66 -6.79
C GLY A 34 6.24 10.92 -8.29
#